data_6L5S
#
_entry.id   6L5S
#
_cell.length_a   53.376
_cell.length_b   70.620
_cell.length_c   108.402
_cell.angle_alpha   90.000
_cell.angle_beta   90.000
_cell.angle_gamma   90.000
#
_symmetry.space_group_name_H-M   'P 21 21 21'
#
loop_
_entity.id
_entity.type
_entity.pdbx_description
1 polymer GgCGT
2 non-polymer "URIDINE-5'-DIPHOSPHATE"
3 non-polymer 3-(4-HYDROXYPHENYL)-1-(2,4,6-TRIHYDROXYPHENYL)PROPAN-1-ONE
4 non-polymer GLYCEROL
5 water water
#
_entity_poly.entity_id   1
_entity_poly.type   'polypeptide(L)'
_entity_poly.pdbx_seq_one_letter_code
;GSMGENNMSSIAPHPVVHVALLPSAGMGHLTPFLRLASLLLHQHCHVTLITPQPTVSKAEEDLLSRFLSAFPQVNQLHFH
LPPSDSTISTDPFFLQFASIRSSSHLLTPLLSSLTPPLSSFIYDMTLISPLLPIAESLGVPHYILFTSSATMFSFFSYFP
TLAKSESFPGKLDFVEIPGVSVSSIPRSSIPPPLLVPNSLFGKLFMEDSPKLKKLHGVLVNTFEGIEKLSLEALNGGKVV
KGLPPVYGVGPFVPCEFEKVVKRGETISEWLDEQPSGSVVYVSFGSRTAMGREQLREVGDGLVKSGWRFLWVVKDKIVDR
AEEEGLDGVLGFELVERMVKEKKGLVVKEWVDQSEILGHKAVGGFVSHCGWNSVVEAAWFGVKILGWPLHGDQKINAEVV
AKGGWGVWKEGWDWEGERLVKGEEIGEAIREVMNDESLVMKATQVKKDARKAISVGGGCEVALQKLMEVWKKNV
;
_entity_poly.pdbx_strand_id   A
#
loop_
_chem_comp.id
_chem_comp.type
_chem_comp.name
_chem_comp.formula
G50 non-polymer 3-(4-HYDROXYPHENYL)-1-(2,4,6-TRIHYDROXYPHENYL)PROPAN-1-ONE 'C15 H14 O5'
GOL non-polymer GLYCEROL 'C3 H8 O3'
UDP RNA linking URIDINE-5'-DIPHOSPHATE 'C9 H14 N2 O12 P2'
#
# COMPACT_ATOMS: atom_id res chain seq x y z
N MET A 8 20.99 -12.17 38.47
CA MET A 8 21.48 -12.49 39.81
C MET A 8 22.76 -13.32 39.75
N SER A 9 22.90 -14.13 38.70
CA SER A 9 24.08 -14.96 38.52
C SER A 9 24.82 -14.68 37.22
N SER A 10 24.40 -13.64 36.48
CA SER A 10 24.99 -13.37 35.19
C SER A 10 24.81 -11.90 34.86
N ILE A 11 25.87 -11.28 34.34
CA ILE A 11 25.80 -9.95 33.74
C ILE A 11 26.22 -10.11 32.29
N ALA A 12 25.25 -10.10 31.39
CA ALA A 12 25.48 -10.46 30.01
C ALA A 12 24.83 -9.44 29.08
N PRO A 13 25.42 -9.23 27.90
CA PRO A 13 24.69 -8.52 26.84
C PRO A 13 23.43 -9.29 26.47
N HIS A 14 22.27 -8.72 26.77
CA HIS A 14 21.01 -9.43 26.54
C HIS A 14 20.86 -9.74 25.05
N PRO A 15 20.31 -10.90 24.69
CA PRO A 15 20.36 -11.35 23.30
C PRO A 15 19.68 -10.37 22.34
N VAL A 16 20.20 -10.33 21.13
CA VAL A 16 19.73 -9.42 20.09
C VAL A 16 18.82 -10.19 19.13
N VAL A 17 17.63 -9.65 18.88
CA VAL A 17 16.75 -10.17 17.85
C VAL A 17 17.10 -9.48 16.54
N HIS A 18 17.56 -10.25 15.56
CA HIS A 18 18.08 -9.74 14.29
C HIS A 18 17.11 -10.09 13.17
N VAL A 19 16.50 -9.06 12.57
CA VAL A 19 15.50 -9.24 11.52
C VAL A 19 16.09 -8.75 10.20
N ALA A 20 16.01 -9.58 9.17
CA ALA A 20 16.36 -9.19 7.81
C ALA A 20 15.09 -8.90 7.02
N LEU A 21 15.09 -7.78 6.28
CA LEU A 21 13.94 -7.31 5.51
C LEU A 21 14.32 -7.18 4.04
N LEU A 22 13.41 -7.58 3.15
CA LEU A 22 13.65 -7.50 1.71
C LEU A 22 12.44 -6.92 0.98
N PRO A 23 12.45 -5.62 0.70
CA PRO A 23 11.32 -5.01 -0.04
C PRO A 23 11.51 -5.10 -1.55
N SER A 24 10.39 -5.28 -2.25
CA SER A 24 10.44 -5.26 -3.70
C SER A 24 10.11 -3.85 -4.23
N ALA A 25 9.77 -3.75 -5.51
CA ALA A 25 9.75 -2.48 -6.22
C ALA A 25 8.53 -1.63 -5.88
N GLY A 26 8.73 -0.31 -5.90
CA GLY A 26 7.66 0.64 -5.74
C GLY A 26 7.61 1.24 -4.35
N MET A 27 7.17 2.51 -4.28
CA MET A 27 6.98 3.14 -2.98
C MET A 27 5.92 2.42 -2.16
N GLY A 28 4.96 1.78 -2.82
CA GLY A 28 3.94 1.03 -2.11
C GLY A 28 4.47 -0.22 -1.43
N HIS A 29 5.71 -0.62 -1.74
CA HIS A 29 6.38 -1.70 -1.05
C HIS A 29 7.50 -1.22 -0.14
N LEU A 30 8.31 -0.25 -0.59
CA LEU A 30 9.36 0.27 0.27
C LEU A 30 8.78 0.91 1.53
N THR A 31 7.73 1.71 1.38
CA THR A 31 7.23 2.49 2.51
C THR A 31 6.76 1.60 3.66
N PRO A 32 5.92 0.58 3.47
CA PRO A 32 5.57 -0.26 4.63
C PRO A 32 6.74 -1.07 5.18
N PHE A 33 7.70 -1.45 4.34
CA PHE A 33 8.87 -2.17 4.87
C PHE A 33 9.71 -1.27 5.78
N LEU A 34 9.89 0.00 5.42
CA LEU A 34 10.67 0.90 6.25
C LEU A 34 9.90 1.30 7.51
N ARG A 35 8.57 1.43 7.41
CA ARG A 35 7.76 1.65 8.61
C ARG A 35 7.79 0.43 9.53
N LEU A 36 7.73 -0.77 8.95
CA LEU A 36 7.93 -1.98 9.75
C LEU A 36 9.32 -1.98 10.39
N ALA A 37 10.35 -1.64 9.61
CA ALA A 37 11.70 -1.54 10.14
C ALA A 37 11.75 -0.62 11.36
N SER A 38 11.09 0.54 11.27
CA SER A 38 11.09 1.48 12.38
C SER A 38 10.43 0.87 13.62
N LEU A 39 9.31 0.18 13.43
CA LEU A 39 8.65 -0.52 14.54
C LEU A 39 9.59 -1.53 15.19
N LEU A 40 10.28 -2.33 14.38
CA LEU A 40 11.19 -3.34 14.92
C LEU A 40 12.35 -2.69 15.66
N LEU A 41 12.91 -1.61 15.09
CA LEU A 41 13.96 -0.89 15.78
C LEU A 41 13.50 -0.37 17.14
N HIS A 42 12.24 0.03 17.25
CA HIS A 42 11.70 0.49 18.53
C HIS A 42 11.52 -0.65 19.52
N GLN A 43 11.39 -1.87 19.04
CA GLN A 43 11.39 -3.05 19.90
C GLN A 43 12.80 -3.55 20.18
N HIS A 44 13.82 -2.75 19.85
CA HIS A 44 15.23 -3.05 20.08
C HIS A 44 15.76 -4.18 19.22
N CYS A 45 15.14 -4.42 18.06
CA CYS A 45 15.71 -5.36 17.10
C CYS A 45 16.91 -4.74 16.39
N HIS A 46 17.86 -5.60 16.02
CA HIS A 46 18.82 -5.27 14.98
C HIS A 46 18.19 -5.60 13.63
N VAL A 47 18.36 -4.71 12.65
CA VAL A 47 17.70 -4.83 11.36
C VAL A 47 18.73 -4.83 10.25
N THR A 48 18.67 -5.85 9.39
CA THR A 48 19.37 -5.85 8.12
C THR A 48 18.37 -5.57 7.01
N LEU A 49 18.66 -4.57 6.18
CA LEU A 49 17.79 -4.18 5.08
C LEU A 49 18.48 -4.50 3.76
N ILE A 50 17.90 -5.42 2.99
CA ILE A 50 18.41 -5.76 1.67
C ILE A 50 17.79 -4.80 0.66
N THR A 51 18.63 -4.13 -0.12
CA THR A 51 18.18 -3.05 -0.99
C THR A 51 18.47 -3.39 -2.44
N PRO A 52 17.47 -3.83 -3.20
CA PRO A 52 17.66 -4.06 -4.64
C PRO A 52 17.91 -2.73 -5.35
N GLN A 53 19.03 -2.65 -6.06
CA GLN A 53 19.51 -1.42 -6.66
C GLN A 53 19.83 -1.62 -8.13
N PRO A 54 19.58 -0.62 -8.98
CA PRO A 54 18.99 0.67 -8.61
C PRO A 54 17.47 0.59 -8.51
N THR A 55 16.86 1.55 -7.82
CA THR A 55 15.41 1.57 -7.69
C THR A 55 14.76 2.09 -8.98
N VAL A 56 13.50 1.68 -9.18
CA VAL A 56 12.77 2.16 -10.36
C VAL A 56 12.61 3.67 -10.31
N SER A 57 12.25 4.20 -9.15
CA SER A 57 11.89 5.61 -9.02
C SER A 57 12.86 6.36 -8.12
N LYS A 58 12.96 7.67 -8.36
CA LYS A 58 13.79 8.53 -7.53
C LYS A 58 13.25 8.61 -6.11
N ALA A 59 11.92 8.62 -5.96
CA ALA A 59 11.32 8.70 -4.63
C ALA A 59 11.78 7.55 -3.74
N GLU A 60 11.88 6.34 -4.28
CA GLU A 60 12.41 5.22 -3.51
C GLU A 60 13.86 5.48 -3.11
N GLU A 61 14.66 5.93 -4.08
CA GLU A 61 16.06 6.27 -3.83
C GLU A 61 16.21 7.25 -2.68
N ASP A 62 15.42 8.32 -2.71
CA ASP A 62 15.58 9.38 -1.72
C ASP A 62 15.06 8.95 -0.35
N LEU A 63 13.96 8.19 -0.31
CA LEU A 63 13.44 7.70 0.96
C LEU A 63 14.42 6.75 1.64
N LEU A 64 15.00 5.83 0.87
CA LEU A 64 16.00 4.93 1.43
C LEU A 64 17.16 5.71 2.04
N SER A 65 17.64 6.73 1.32
CA SER A 65 18.73 7.54 1.83
C SER A 65 18.36 8.21 3.15
N ARG A 66 17.14 8.77 3.22
CA ARG A 66 16.70 9.42 4.45
C ARG A 66 16.56 8.43 5.60
N PHE A 67 16.00 7.25 5.30
CA PHE A 67 15.89 6.19 6.30
C PHE A 67 17.26 5.79 6.84
N LEU A 68 18.21 5.51 5.94
CA LEU A 68 19.51 5.00 6.38
C LEU A 68 20.27 6.05 7.19
N SER A 69 20.07 7.34 6.89
CA SER A 69 20.74 8.35 7.69
C SER A 69 20.01 8.58 9.02
N ALA A 70 18.72 8.29 9.06
CA ALA A 70 17.99 8.36 10.32
C ALA A 70 18.35 7.19 11.24
N PHE A 71 18.70 6.04 10.67
CA PHE A 71 18.98 4.83 11.44
C PHE A 71 20.33 4.27 11.01
N PRO A 72 21.43 4.89 11.44
CA PRO A 72 22.75 4.37 11.05
C PRO A 72 23.05 2.97 11.57
N GLN A 73 22.31 2.50 12.57
CA GLN A 73 22.51 1.15 13.10
C GLN A 73 21.99 0.06 12.16
N VAL A 74 21.21 0.41 11.15
CA VAL A 74 20.70 -0.59 10.22
C VAL A 74 21.83 -1.07 9.32
N ASN A 75 21.91 -2.39 9.13
CA ASN A 75 22.89 -3.01 8.24
C ASN A 75 22.27 -3.11 6.85
N GLN A 76 22.78 -2.33 5.90
CA GLN A 76 22.30 -2.39 4.52
C GLN A 76 23.08 -3.44 3.75
N LEU A 77 22.38 -4.40 3.15
CA LEU A 77 22.96 -5.37 2.25
C LEU A 77 22.64 -4.94 0.81
N HIS A 78 23.66 -4.52 0.07
CA HIS A 78 23.44 -4.08 -1.30
C HIS A 78 23.08 -5.28 -2.18
N PHE A 79 22.07 -5.10 -3.03
CA PHE A 79 21.57 -6.14 -3.92
C PHE A 79 21.58 -5.55 -5.33
N HIS A 80 22.71 -5.62 -6.01
CA HIS A 80 22.89 -4.95 -7.29
C HIS A 80 22.28 -5.79 -8.40
N LEU A 81 21.24 -5.24 -9.05
CA LEU A 81 20.50 -5.97 -10.07
C LEU A 81 21.19 -5.84 -11.43
N PRO A 82 21.12 -6.90 -12.25
CA PRO A 82 21.65 -6.79 -13.62
C PRO A 82 20.76 -5.88 -14.45
N PRO A 83 21.32 -5.23 -15.49
CA PRO A 83 20.57 -4.29 -16.34
C PRO A 83 19.42 -4.93 -17.11
N THR A 90 6.24 -3.20 -21.13
CA THR A 90 6.01 -3.72 -19.80
C THR A 90 6.04 -2.59 -18.77
N ASP A 91 5.17 -2.72 -17.76
CA ASP A 91 5.18 -1.76 -16.66
C ASP A 91 6.53 -1.77 -15.96
N PRO A 92 7.17 -0.61 -15.76
CA PRO A 92 8.53 -0.60 -15.23
C PRO A 92 8.66 -1.21 -13.84
N PHE A 93 7.63 -1.10 -13.02
CA PHE A 93 7.69 -1.73 -11.70
C PHE A 93 7.49 -3.24 -11.79
N PHE A 94 6.61 -3.69 -12.69
CA PHE A 94 6.48 -5.12 -12.96
C PHE A 94 7.81 -5.70 -13.43
N LEU A 95 8.50 -4.99 -14.32
CA LEU A 95 9.81 -5.44 -14.80
C LEU A 95 10.80 -5.58 -13.64
N GLN A 96 10.76 -4.65 -12.69
CA GLN A 96 11.66 -4.73 -11.54
C GLN A 96 11.28 -5.91 -10.63
N PHE A 97 9.97 -6.14 -10.42
CA PHE A 97 9.50 -7.33 -9.71
C PHE A 97 10.15 -8.60 -10.28
N ALA A 98 10.14 -8.74 -11.60
CA ALA A 98 10.68 -9.94 -12.23
C ALA A 98 12.20 -10.00 -12.11
N SER A 99 12.87 -8.85 -12.21
CA SER A 99 14.33 -8.85 -12.12
C SER A 99 14.80 -9.20 -10.71
N ILE A 100 14.18 -8.61 -9.69
CA ILE A 100 14.51 -8.97 -8.31
C ILE A 100 14.29 -10.47 -8.10
N ARG A 101 13.16 -10.97 -8.57
CA ARG A 101 12.85 -12.40 -8.50
C ARG A 101 13.92 -13.22 -9.21
N SER A 102 14.27 -12.83 -10.44
CA SER A 102 15.22 -13.59 -11.25
C SER A 102 16.64 -13.57 -10.70
N SER A 103 16.99 -12.58 -9.89
CA SER A 103 18.33 -12.48 -9.33
C SER A 103 18.39 -12.88 -7.86
N SER A 104 17.26 -13.33 -7.29
CA SER A 104 17.17 -13.55 -5.86
C SER A 104 18.06 -14.70 -5.40
N HIS A 105 18.15 -15.76 -6.22
CA HIS A 105 18.91 -16.94 -5.86
C HIS A 105 20.39 -16.62 -5.60
N LEU A 106 20.77 -15.37 -5.84
CA LEU A 106 22.13 -14.89 -5.61
C LEU A 106 22.28 -14.15 -4.28
N LEU A 107 21.27 -14.20 -3.42
CA LEU A 107 21.32 -13.58 -2.09
C LEU A 107 21.82 -14.52 -1.00
N THR A 108 21.85 -15.82 -1.26
CA THR A 108 22.22 -16.80 -0.22
C THR A 108 23.55 -16.50 0.46
N PRO A 109 24.65 -16.20 -0.25
CA PRO A 109 25.91 -15.94 0.46
C PRO A 109 25.85 -14.73 1.39
N LEU A 110 25.08 -13.70 1.03
CA LEU A 110 25.01 -12.52 1.88
C LEU A 110 24.13 -12.73 3.10
N LEU A 111 23.12 -13.58 2.99
CA LEU A 111 22.28 -13.87 4.15
C LEU A 111 22.94 -14.87 5.09
N SER A 112 23.70 -15.83 4.54
CA SER A 112 24.36 -16.84 5.36
C SER A 112 25.44 -16.25 6.25
N SER A 113 26.04 -15.15 5.82
CA SER A 113 27.19 -14.56 6.51
C SER A 113 26.78 -13.52 7.55
N LEU A 114 25.49 -13.33 7.78
CA LEU A 114 25.03 -12.26 8.66
C LEU A 114 25.49 -12.48 10.10
N THR A 115 25.91 -11.39 10.74
CA THR A 115 26.19 -11.33 12.16
C THR A 115 25.53 -10.07 12.71
N PRO A 116 24.95 -10.12 13.93
CA PRO A 116 24.82 -11.27 14.82
C PRO A 116 23.87 -12.32 14.21
N PRO A 117 23.76 -13.51 14.82
CA PRO A 117 22.91 -14.55 14.23
C PRO A 117 21.52 -14.05 13.88
N LEU A 118 21.07 -14.38 12.68
CA LEU A 118 19.76 -13.95 12.22
C LEU A 118 18.67 -14.61 13.06
N SER A 119 17.62 -13.85 13.37
CA SER A 119 16.50 -14.35 14.15
C SER A 119 15.26 -14.63 13.30
N SER A 120 15.00 -13.81 12.28
CA SER A 120 13.85 -14.00 11.41
C SER A 120 14.09 -13.25 10.11
N PHE A 121 13.30 -13.61 9.09
CA PHE A 121 13.45 -13.10 7.73
C PHE A 121 12.06 -12.74 7.20
N ILE A 122 11.87 -11.49 6.81
CA ILE A 122 10.58 -11.00 6.32
C ILE A 122 10.80 -10.42 4.92
N TYR A 123 10.22 -11.07 3.91
CA TYR A 123 10.45 -10.64 2.53
C TYR A 123 9.14 -10.31 1.83
N ASP A 124 9.29 -9.65 0.68
CA ASP A 124 8.16 -9.14 -0.08
C ASP A 124 7.28 -10.27 -0.60
N MET A 125 5.96 -10.08 -0.57
CA MET A 125 5.06 -11.13 -1.01
C MET A 125 5.24 -11.49 -2.48
N THR A 126 5.82 -10.59 -3.28
CA THR A 126 6.06 -10.90 -4.69
C THR A 126 7.27 -11.80 -4.91
N LEU A 127 7.98 -12.20 -3.85
CA LEU A 127 9.24 -12.91 -4.00
C LEU A 127 9.20 -14.31 -3.40
N ILE A 128 8.00 -14.85 -3.17
CA ILE A 128 7.85 -16.06 -2.37
C ILE A 128 8.64 -17.22 -2.97
N SER A 129 8.43 -17.51 -4.26
CA SER A 129 9.01 -18.73 -4.82
C SER A 129 10.54 -18.75 -4.80
N PRO A 130 11.26 -17.74 -5.30
CA PRO A 130 12.73 -17.82 -5.23
C PRO A 130 13.28 -17.73 -3.81
N LEU A 131 12.59 -17.03 -2.91
CA LEU A 131 13.15 -16.79 -1.59
C LEU A 131 12.85 -17.91 -0.60
N LEU A 132 11.75 -18.65 -0.81
CA LEU A 132 11.39 -19.72 0.11
C LEU A 132 12.51 -20.73 0.35
N PRO A 133 13.15 -21.32 -0.66
CA PRO A 133 14.27 -22.22 -0.37
C PRO A 133 15.45 -21.52 0.28
N ILE A 134 15.68 -20.25 -0.05
CA ILE A 134 16.76 -19.50 0.60
C ILE A 134 16.45 -19.33 2.08
N ALA A 135 15.21 -18.95 2.40
CA ALA A 135 14.82 -18.78 3.79
C ALA A 135 14.89 -20.09 4.54
N GLU A 136 14.45 -21.19 3.91
CA GLU A 136 14.52 -22.49 4.56
C GLU A 136 15.96 -22.90 4.85
N SER A 137 16.90 -22.48 3.99
CA SER A 137 18.31 -22.76 4.24
C SER A 137 18.83 -22.04 5.47
N LEU A 138 18.28 -20.86 5.77
CA LEU A 138 18.78 -20.07 6.89
C LEU A 138 18.37 -20.66 8.23
N GLY A 139 17.30 -21.45 8.28
CA GLY A 139 16.88 -22.08 9.52
C GLY A 139 16.25 -21.15 10.53
N VAL A 140 15.61 -20.07 10.07
CA VAL A 140 14.96 -19.11 10.96
C VAL A 140 13.50 -19.03 10.56
N PRO A 141 12.63 -18.57 11.46
CA PRO A 141 11.25 -18.26 11.06
C PRO A 141 11.26 -17.21 9.96
N HIS A 142 10.46 -17.45 8.93
CA HIS A 142 10.43 -16.55 7.79
C HIS A 142 8.99 -16.27 7.38
N TYR A 143 8.78 -15.08 6.84
CA TYR A 143 7.46 -14.49 6.65
C TYR A 143 7.48 -13.66 5.39
N ILE A 144 6.28 -13.40 4.86
CA ILE A 144 6.14 -12.32 3.89
C ILE A 144 5.51 -11.13 4.61
N LEU A 145 5.86 -9.93 4.16
CA LEU A 145 5.05 -8.75 4.42
C LEU A 145 4.18 -8.55 3.19
N PHE A 146 2.87 -8.74 3.36
CA PHE A 146 1.90 -8.48 2.31
C PHE A 146 1.52 -7.01 2.37
N THR A 147 1.71 -6.28 1.27
CA THR A 147 1.55 -4.83 1.31
C THR A 147 0.15 -4.36 0.93
N SER A 148 -0.76 -5.26 0.53
CA SER A 148 -2.12 -4.87 0.22
C SER A 148 -3.04 -5.25 1.39
N SER A 149 -4.34 -5.20 1.15
CA SER A 149 -5.30 -5.43 2.24
C SER A 149 -5.36 -6.91 2.61
N ALA A 150 -5.88 -7.18 3.82
CA ALA A 150 -6.12 -8.55 4.22
C ALA A 150 -7.18 -9.19 3.31
N THR A 151 -8.12 -8.40 2.82
CA THR A 151 -9.09 -8.92 1.85
C THR A 151 -8.40 -9.32 0.56
N MET A 152 -7.51 -8.47 0.04
CA MET A 152 -6.75 -8.85 -1.15
C MET A 152 -5.91 -10.10 -0.88
N PHE A 153 -5.35 -10.22 0.32
CA PHE A 153 -4.58 -11.41 0.64
C PHE A 153 -5.45 -12.65 0.63
N SER A 154 -6.69 -12.53 1.12
CA SER A 154 -7.63 -13.64 1.04
C SER A 154 -7.86 -14.05 -0.41
N PHE A 155 -8.03 -13.07 -1.31
CA PHE A 155 -8.19 -13.36 -2.73
C PHE A 155 -6.96 -14.07 -3.27
N PHE A 156 -5.77 -13.58 -2.90
CA PHE A 156 -4.51 -14.18 -3.31
C PHE A 156 -4.41 -15.63 -2.84
N SER A 157 -4.77 -15.88 -1.57
CA SER A 157 -4.74 -17.23 -1.02
C SER A 157 -5.73 -18.15 -1.72
N TYR A 158 -6.87 -17.60 -2.13
CA TYR A 158 -7.96 -18.37 -2.72
C TYR A 158 -7.78 -18.59 -4.21
N PHE A 159 -6.84 -17.89 -4.84
CA PHE A 159 -6.72 -17.91 -6.30
C PHE A 159 -6.50 -19.30 -6.88
N PRO A 160 -5.64 -20.17 -6.33
CA PRO A 160 -5.52 -21.52 -6.90
C PRO A 160 -6.84 -22.26 -6.96
N THR A 161 -7.75 -22.01 -6.03
CA THR A 161 -9.08 -22.63 -6.10
C THR A 161 -9.84 -22.15 -7.33
N LEU A 162 -9.69 -20.88 -7.68
CA LEU A 162 -10.35 -20.34 -8.86
C LEU A 162 -9.69 -20.84 -10.15
N ALA A 163 -8.36 -20.74 -10.22
CA ALA A 163 -7.64 -21.01 -11.46
C ALA A 163 -7.58 -22.50 -11.80
N LYS A 164 -7.94 -23.38 -10.88
CA LYS A 164 -8.01 -24.80 -11.21
C LYS A 164 -9.12 -25.12 -12.20
N SER A 165 -10.12 -24.23 -12.32
CA SER A 165 -11.26 -24.47 -13.20
C SER A 165 -10.82 -24.47 -14.66
N GLU A 166 -11.39 -25.39 -15.44
CA GLU A 166 -11.16 -25.43 -16.88
C GLU A 166 -11.86 -24.32 -17.63
N SER A 167 -12.78 -23.60 -16.97
CA SER A 167 -13.43 -22.43 -17.55
C SER A 167 -12.80 -21.13 -17.06
N PHE A 168 -11.71 -21.20 -16.31
CA PHE A 168 -10.98 -20.02 -15.92
C PHE A 168 -10.06 -19.58 -17.07
N PRO A 169 -9.95 -18.28 -17.34
CA PRO A 169 -10.58 -17.16 -16.64
C PRO A 169 -11.86 -16.65 -17.30
N GLY A 170 -12.34 -17.34 -18.33
CA GLY A 170 -13.47 -16.81 -19.10
C GLY A 170 -14.78 -16.84 -18.34
N LYS A 171 -15.00 -17.87 -17.53
CA LYS A 171 -16.24 -18.03 -16.78
C LYS A 171 -15.92 -17.89 -15.29
N LEU A 172 -16.07 -16.67 -14.79
CA LEU A 172 -15.94 -16.38 -13.36
C LEU A 172 -16.62 -15.04 -13.13
N ASP A 173 -17.79 -15.05 -12.51
CA ASP A 173 -18.58 -13.84 -12.33
C ASP A 173 -18.55 -13.29 -10.92
N PHE A 174 -18.34 -14.14 -9.91
CA PHE A 174 -18.27 -13.71 -8.52
C PHE A 174 -17.22 -14.54 -7.80
N VAL A 175 -16.48 -13.88 -6.91
CA VAL A 175 -15.54 -14.56 -6.02
C VAL A 175 -16.05 -14.30 -4.60
N GLU A 176 -16.55 -15.35 -3.96
CA GLU A 176 -17.20 -15.21 -2.67
C GLU A 176 -16.45 -16.09 -1.67
N ILE A 177 -15.51 -15.47 -0.98
CA ILE A 177 -14.62 -16.16 -0.04
C ILE A 177 -15.31 -16.17 1.32
N PRO A 178 -15.41 -17.32 1.98
CA PRO A 178 -16.18 -17.39 3.22
C PRO A 178 -15.64 -16.45 4.28
N GLY A 179 -16.55 -15.64 4.85
CA GLY A 179 -16.29 -14.87 6.04
C GLY A 179 -15.48 -13.60 5.91
N VAL A 180 -15.09 -13.19 4.69
CA VAL A 180 -14.17 -12.06 4.55
C VAL A 180 -14.92 -10.73 4.49
N SER A 181 -14.17 -9.62 4.51
CA SER A 181 -14.78 -8.31 4.69
C SER A 181 -15.57 -7.86 3.46
N VAL A 182 -15.21 -8.33 2.27
CA VAL A 182 -15.99 -8.11 1.06
C VAL A 182 -16.53 -9.48 0.65
N SER A 183 -17.78 -9.75 0.99
CA SER A 183 -18.30 -11.11 0.86
C SER A 183 -18.49 -11.52 -0.60
N SER A 184 -18.64 -10.56 -1.52
CA SER A 184 -18.84 -10.87 -2.93
C SER A 184 -17.99 -9.92 -3.77
N ILE A 185 -16.98 -10.47 -4.43
CA ILE A 185 -16.10 -9.71 -5.31
C ILE A 185 -16.51 -10.03 -6.76
N PRO A 186 -17.16 -9.11 -7.47
CA PRO A 186 -17.57 -9.40 -8.85
C PRO A 186 -16.36 -9.43 -9.77
N ARG A 187 -16.59 -9.97 -10.97
CA ARG A 187 -15.52 -10.06 -11.96
C ARG A 187 -14.95 -8.70 -12.31
N SER A 188 -15.78 -7.65 -12.31
CA SER A 188 -15.33 -6.31 -12.64
C SER A 188 -14.36 -5.74 -11.61
N SER A 189 -14.25 -6.35 -10.43
CA SER A 189 -13.29 -5.92 -9.41
C SER A 189 -12.04 -6.80 -9.35
N ILE A 190 -12.00 -7.88 -10.13
CA ILE A 190 -10.80 -8.72 -10.15
C ILE A 190 -9.66 -7.96 -10.81
N PRO A 191 -8.46 -7.96 -10.24
CA PRO A 191 -7.33 -7.29 -10.89
C PRO A 191 -7.21 -7.75 -12.34
N PRO A 192 -7.27 -6.80 -13.27
CA PRO A 192 -7.38 -7.16 -14.70
C PRO A 192 -6.30 -8.12 -15.18
N PRO A 193 -5.03 -7.99 -14.74
CA PRO A 193 -4.03 -8.96 -15.24
C PRO A 193 -4.34 -10.41 -14.90
N LEU A 194 -5.09 -10.67 -13.83
CA LEU A 194 -5.41 -12.05 -13.48
C LEU A 194 -6.40 -12.68 -14.45
N LEU A 195 -7.08 -11.88 -15.26
CA LEU A 195 -8.01 -12.39 -16.26
C LEU A 195 -7.39 -12.50 -17.65
N VAL A 196 -6.11 -12.16 -17.79
CA VAL A 196 -5.35 -12.38 -19.02
C VAL A 196 -4.50 -13.64 -18.82
N PRO A 197 -4.64 -14.66 -19.66
CA PRO A 197 -4.11 -15.99 -19.32
C PRO A 197 -2.60 -16.17 -19.49
N ASN A 198 -1.82 -15.09 -19.54
CA ASN A 198 -0.37 -15.23 -19.66
C ASN A 198 0.38 -14.05 -19.05
N SER A 199 -0.14 -13.47 -17.99
CA SER A 199 0.46 -12.27 -17.39
C SER A 199 1.45 -12.65 -16.30
N LEU A 200 2.34 -11.70 -16.00
CA LEU A 200 3.33 -11.91 -14.95
C LEU A 200 2.67 -12.24 -13.62
N PHE A 201 1.71 -11.40 -13.19
CA PHE A 201 1.06 -11.62 -11.90
C PHE A 201 0.19 -12.87 -11.89
N GLY A 202 -0.39 -13.23 -13.05
CA GLY A 202 -1.11 -14.49 -13.13
C GLY A 202 -0.19 -15.67 -12.87
N LYS A 203 1.02 -15.64 -13.43
CA LYS A 203 1.98 -16.70 -13.18
C LYS A 203 2.52 -16.63 -11.76
N LEU A 204 2.73 -15.42 -11.24
CA LEU A 204 3.20 -15.29 -9.86
C LEU A 204 2.18 -15.83 -8.88
N PHE A 205 0.90 -15.47 -9.07
CA PHE A 205 -0.17 -16.00 -8.22
C PHE A 205 -0.15 -17.52 -8.21
N MET A 206 -0.03 -18.13 -9.40
CA MET A 206 -0.12 -19.58 -9.50
C MET A 206 1.09 -20.28 -8.88
N GLU A 207 2.27 -19.69 -8.99
CA GLU A 207 3.45 -20.31 -8.44
C GLU A 207 3.61 -20.04 -6.96
N ASP A 208 3.12 -18.90 -6.47
CA ASP A 208 3.41 -18.44 -5.12
C ASP A 208 2.31 -18.77 -4.11
N SER A 209 1.05 -18.57 -4.47
CA SER A 209 -0.03 -18.84 -3.52
C SER A 209 -0.03 -20.27 -2.99
N PRO A 210 0.22 -21.31 -3.79
CA PRO A 210 0.28 -22.66 -3.21
C PRO A 210 1.41 -22.86 -2.20
N LYS A 211 2.39 -21.96 -2.16
CA LYS A 211 3.53 -22.10 -1.25
C LYS A 211 3.35 -21.30 0.04
N LEU A 212 2.21 -20.62 0.20
CA LEU A 212 1.95 -19.88 1.44
C LEU A 212 2.03 -20.78 2.66
N LYS A 213 1.64 -22.05 2.54
CA LYS A 213 1.63 -22.95 3.69
C LYS A 213 3.03 -23.23 4.23
N LYS A 214 4.08 -22.92 3.47
CA LYS A 214 5.45 -23.11 3.92
C LYS A 214 5.99 -21.95 4.75
N LEU A 215 5.26 -20.85 4.83
CA LEU A 215 5.71 -19.71 5.62
C LEU A 215 5.39 -19.93 7.11
N HIS A 216 6.10 -19.19 7.96
CA HIS A 216 5.76 -19.16 9.37
C HIS A 216 4.64 -18.17 9.68
N GLY A 217 4.35 -17.24 8.78
CA GLY A 217 3.28 -16.30 8.99
C GLY A 217 3.25 -15.26 7.90
N VAL A 218 2.17 -14.49 7.91
CA VAL A 218 1.95 -13.40 6.95
C VAL A 218 1.64 -12.14 7.73
N LEU A 219 2.47 -11.12 7.57
CA LEU A 219 2.22 -9.82 8.18
C LEU A 219 1.45 -8.95 7.20
N VAL A 220 0.43 -8.26 7.71
CA VAL A 220 -0.42 -7.40 6.90
C VAL A 220 -0.57 -6.07 7.62
N ASN A 221 -0.41 -4.96 6.89
CA ASN A 221 -0.63 -3.62 7.42
C ASN A 221 -2.14 -3.35 7.40
N THR A 222 -2.81 -3.94 8.37
CA THR A 222 -4.25 -3.72 8.56
C THR A 222 -4.58 -3.91 10.03
N PHE A 223 -5.84 -3.68 10.37
CA PHE A 223 -6.26 -3.79 11.76
C PHE A 223 -7.76 -4.06 11.79
N GLU A 224 -8.22 -4.50 12.97
CA GLU A 224 -9.60 -4.97 13.12
C GLU A 224 -10.61 -3.88 12.81
N GLY A 225 -10.26 -2.61 13.06
CA GLY A 225 -11.18 -1.52 12.79
C GLY A 225 -11.61 -1.38 11.34
N ILE A 226 -10.83 -1.91 10.40
CA ILE A 226 -11.18 -1.80 8.99
C ILE A 226 -11.35 -3.14 8.29
N GLU A 227 -10.82 -4.25 8.82
CA GLU A 227 -10.91 -5.55 8.15
C GLU A 227 -11.10 -6.68 9.16
N LYS A 228 -12.00 -6.47 10.12
CA LYS A 228 -12.26 -7.46 11.15
C LYS A 228 -12.61 -8.83 10.57
N LEU A 229 -13.47 -8.85 9.55
CA LEU A 229 -13.96 -10.13 9.01
C LEU A 229 -12.86 -10.88 8.28
N SER A 230 -12.12 -10.19 7.40
CA SER A 230 -11.04 -10.86 6.68
C SER A 230 -9.99 -11.41 7.64
N LEU A 231 -9.61 -10.63 8.67
CA LEU A 231 -8.66 -11.12 9.67
C LEU A 231 -9.17 -12.38 10.35
N GLU A 232 -10.44 -12.37 10.78
CA GLU A 232 -10.98 -13.54 11.47
C GLU A 232 -11.12 -14.74 10.53
N ALA A 233 -11.53 -14.50 9.28
CA ALA A 233 -11.68 -15.61 8.33
C ALA A 233 -10.34 -16.25 8.02
N LEU A 234 -9.31 -15.42 7.81
CA LEU A 234 -7.99 -15.95 7.50
C LEU A 234 -7.45 -16.80 8.65
N ASN A 235 -7.61 -16.33 9.88
CA ASN A 235 -7.06 -17.01 11.03
C ASN A 235 -7.96 -18.11 11.59
N GLY A 236 -9.16 -18.28 11.03
CA GLY A 236 -10.05 -19.34 11.40
C GLY A 236 -10.12 -20.48 10.42
N GLY A 237 -9.22 -20.54 9.44
CA GLY A 237 -9.25 -21.61 8.45
C GLY A 237 -10.41 -21.54 7.48
N LYS A 238 -11.06 -20.38 7.36
CA LYS A 238 -12.22 -20.23 6.49
C LYS A 238 -11.86 -19.90 5.04
N VAL A 239 -10.67 -19.39 4.79
CA VAL A 239 -10.28 -18.98 3.45
C VAL A 239 -9.60 -20.15 2.75
N VAL A 240 -8.49 -20.60 3.33
CA VAL A 240 -7.80 -21.81 2.90
C VAL A 240 -7.34 -22.54 4.17
N LYS A 241 -7.66 -23.82 4.26
CA LYS A 241 -7.21 -24.61 5.40
C LYS A 241 -5.68 -24.74 5.37
N GLY A 242 -5.05 -24.56 6.53
CA GLY A 242 -3.61 -24.69 6.62
C GLY A 242 -2.82 -23.45 6.29
N LEU A 243 -3.48 -22.32 6.03
CA LEU A 243 -2.76 -21.07 5.86
C LEU A 243 -1.97 -20.77 7.14
N PRO A 244 -0.80 -20.14 7.01
CA PRO A 244 -0.06 -19.73 8.20
C PRO A 244 -0.80 -18.60 8.90
N PRO A 245 -0.51 -18.37 10.19
CA PRO A 245 -1.16 -17.27 10.90
C PRO A 245 -0.95 -15.93 10.20
N VAL A 246 -2.00 -15.11 10.19
CA VAL A 246 -1.97 -13.78 9.60
C VAL A 246 -1.95 -12.77 10.73
N TYR A 247 -0.93 -11.91 10.72
CA TYR A 247 -0.70 -10.94 11.79
C TYR A 247 -1.11 -9.56 11.30
N GLY A 248 -2.15 -9.00 11.92
CA GLY A 248 -2.52 -7.62 11.63
C GLY A 248 -1.62 -6.67 12.40
N VAL A 249 -0.53 -6.22 11.78
CA VAL A 249 0.43 -5.35 12.43
C VAL A 249 0.25 -3.90 12.03
N GLY A 250 -0.88 -3.56 11.41
CA GLY A 250 -1.20 -2.18 11.14
C GLY A 250 -2.00 -1.58 12.27
N PRO A 251 -2.25 -0.26 12.20
CA PRO A 251 -1.77 0.61 11.12
C PRO A 251 -0.30 0.96 11.27
N PHE A 252 0.44 0.93 10.15
CA PHE A 252 1.80 1.42 10.14
C PHE A 252 1.77 2.95 10.25
N VAL A 253 2.31 3.48 11.34
CA VAL A 253 2.27 4.92 11.59
C VAL A 253 3.35 5.59 10.75
N PRO A 254 3.04 6.69 10.06
CA PRO A 254 4.07 7.39 9.29
C PRO A 254 5.20 7.87 10.19
N CYS A 255 6.42 7.80 9.67
CA CYS A 255 7.62 8.05 10.45
C CYS A 255 8.32 9.34 10.02
N GLU A 256 9.15 9.85 10.93
CA GLU A 256 9.82 11.13 10.71
C GLU A 256 10.75 11.11 9.51
N PHE A 257 11.45 9.99 9.29
CA PHE A 257 12.46 9.95 8.24
C PHE A 257 11.86 10.18 6.85
N GLU A 258 10.55 10.02 6.69
CA GLU A 258 9.92 10.16 5.39
C GLU A 258 9.81 11.63 4.95
N LYS A 259 9.86 12.56 5.90
CA LYS A 259 9.67 13.96 5.58
C LYS A 259 10.88 14.52 4.83
N VAL A 260 10.60 15.42 3.89
CA VAL A 260 11.66 16.11 3.15
C VAL A 260 11.82 17.52 3.68
N GLU A 265 8.59 24.94 2.31
CA GLU A 265 7.45 24.44 3.07
C GLU A 265 6.18 25.11 2.59
N THR A 266 6.08 25.31 1.27
CA THR A 266 5.00 26.12 0.73
C THR A 266 3.66 25.38 0.76
N ILE A 267 3.66 24.04 0.67
CA ILE A 267 2.39 23.31 0.72
C ILE A 267 1.76 23.42 2.10
N SER A 268 2.54 23.12 3.14
CA SER A 268 1.99 23.23 4.49
C SER A 268 1.63 24.67 4.83
N GLU A 269 2.37 25.64 4.28
CA GLU A 269 2.03 27.04 4.51
C GLU A 269 0.68 27.39 3.87
N TRP A 270 0.43 26.87 2.67
CA TRP A 270 -0.87 27.08 2.04
C TRP A 270 -1.98 26.38 2.82
N LEU A 271 -1.75 25.13 3.25
CA LEU A 271 -2.73 24.44 4.08
C LEU A 271 -3.01 25.19 5.38
N ASP A 272 -1.97 25.82 5.96
CA ASP A 272 -2.15 26.59 7.19
C ASP A 272 -3.16 27.72 7.00
N GLU A 273 -3.30 28.23 5.77
CA GLU A 273 -4.23 29.32 5.50
C GLU A 273 -5.65 28.86 5.19
N GLN A 274 -5.88 27.55 5.10
CA GLN A 274 -7.24 27.17 4.72
C GLN A 274 -8.07 26.80 5.95
N PRO A 275 -9.39 27.01 5.89
CA PRO A 275 -10.24 26.63 7.03
C PRO A 275 -10.18 25.13 7.31
N SER A 276 -10.36 24.77 8.57
CA SER A 276 -10.33 23.37 8.97
C SER A 276 -11.33 22.55 8.17
N GLY A 277 -10.86 21.41 7.65
CA GLY A 277 -11.70 20.48 6.92
C GLY A 277 -12.14 20.93 5.54
N SER A 278 -11.57 22.00 5.01
CA SER A 278 -12.07 22.62 3.79
C SER A 278 -11.39 22.12 2.51
N VAL A 279 -10.30 21.37 2.62
CA VAL A 279 -9.47 21.02 1.46
C VAL A 279 -9.68 19.55 1.10
N VAL A 280 -9.87 19.29 -0.18
CA VAL A 280 -9.93 17.94 -0.73
C VAL A 280 -8.55 17.60 -1.29
N TYR A 281 -7.89 16.61 -0.70
CA TYR A 281 -6.60 16.12 -1.21
C TYR A 281 -6.86 15.05 -2.26
N VAL A 282 -6.11 15.13 -3.36
CA VAL A 282 -6.30 14.25 -4.51
C VAL A 282 -4.95 13.64 -4.86
N SER A 283 -4.85 12.31 -4.80
CA SER A 283 -3.63 11.65 -5.25
C SER A 283 -3.95 10.22 -5.66
N PHE A 284 -3.30 9.77 -6.73
CA PHE A 284 -3.49 8.42 -7.26
C PHE A 284 -2.23 7.58 -7.11
N GLY A 285 -1.43 7.87 -6.10
CA GLY A 285 -0.33 7.01 -5.73
C GLY A 285 0.99 7.40 -6.36
N SER A 286 1.94 6.47 -6.25
CA SER A 286 3.32 6.71 -6.64
C SER A 286 3.66 6.19 -8.03
N ARG A 287 2.81 5.35 -8.62
CA ARG A 287 3.18 4.68 -9.87
C ARG A 287 2.05 4.65 -10.88
N THR A 288 1.10 5.57 -10.81
CA THR A 288 -0.02 5.61 -11.75
C THR A 288 -0.16 7.01 -12.30
N ALA A 289 -0.36 7.11 -13.61
CA ALA A 289 -0.57 8.39 -14.29
C ALA A 289 -1.80 8.27 -15.17
N MET A 290 -2.77 9.15 -14.95
CA MET A 290 -3.95 9.16 -15.81
C MET A 290 -3.59 9.62 -17.22
N GLY A 291 -4.38 9.16 -18.19
CA GLY A 291 -4.28 9.72 -19.53
C GLY A 291 -4.59 11.20 -19.54
N ARG A 292 -4.06 11.88 -20.57
CA ARG A 292 -4.14 13.33 -20.63
C ARG A 292 -5.58 13.83 -20.55
N GLU A 293 -6.47 13.23 -21.36
CA GLU A 293 -7.85 13.69 -21.38
C GLU A 293 -8.55 13.42 -20.05
N GLN A 294 -8.33 12.24 -19.47
CA GLN A 294 -8.94 11.93 -18.18
C GLN A 294 -8.39 12.83 -17.08
N LEU A 295 -7.08 13.05 -17.08
CA LEU A 295 -6.45 13.97 -16.14
C LEU A 295 -7.12 15.34 -16.18
N ARG A 296 -7.37 15.87 -17.38
CA ARG A 296 -7.96 17.21 -17.47
C ARG A 296 -9.41 17.22 -17.00
N GLU A 297 -10.10 16.07 -17.09
CA GLU A 297 -11.45 15.99 -16.53
C GLU A 297 -11.43 16.05 -15.01
N VAL A 298 -10.37 15.52 -14.38
CA VAL A 298 -10.23 15.66 -12.93
C VAL A 298 -10.19 17.13 -12.54
N GLY A 299 -9.37 17.92 -13.23
CA GLY A 299 -9.29 19.34 -12.94
C GLY A 299 -10.61 20.06 -13.15
N ASP A 300 -11.32 19.69 -14.23
CA ASP A 300 -12.65 20.25 -14.45
C ASP A 300 -13.58 19.92 -13.29
N GLY A 301 -13.54 18.68 -12.80
CA GLY A 301 -14.41 18.31 -11.69
C GLY A 301 -14.04 19.00 -10.39
N LEU A 302 -12.74 19.15 -10.13
CA LEU A 302 -12.30 19.88 -8.94
C LEU A 302 -12.82 21.31 -8.96
N VAL A 303 -12.66 22.01 -10.10
CA VAL A 303 -13.19 23.37 -10.21
C VAL A 303 -14.70 23.37 -10.03
N LYS A 304 -15.38 22.44 -10.69
CA LYS A 304 -16.85 22.39 -10.60
C LYS A 304 -17.33 22.06 -9.18
N SER A 305 -16.52 21.33 -8.40
CA SER A 305 -16.94 20.96 -7.05
C SER A 305 -17.12 22.19 -6.16
N GLY A 306 -16.38 23.27 -6.43
CA GLY A 306 -16.39 24.42 -5.57
C GLY A 306 -15.55 24.30 -4.31
N TRP A 307 -14.95 23.14 -4.07
CA TRP A 307 -14.15 22.90 -2.88
C TRP A 307 -12.69 23.25 -3.12
N ARG A 308 -12.01 23.67 -2.06
CA ARG A 308 -10.56 23.81 -2.10
C ARG A 308 -9.92 22.45 -2.33
N PHE A 309 -8.81 22.43 -3.06
CA PHE A 309 -8.21 21.15 -3.39
C PHE A 309 -6.70 21.26 -3.40
N LEU A 310 -6.06 20.13 -3.07
CA LEU A 310 -4.62 19.95 -3.24
C LEU A 310 -4.47 18.72 -4.12
N TRP A 311 -4.10 18.94 -5.38
CA TRP A 311 -4.11 17.91 -6.41
C TRP A 311 -2.67 17.56 -6.77
N VAL A 312 -2.27 16.32 -6.49
CA VAL A 312 -0.96 15.82 -6.87
C VAL A 312 -1.09 15.13 -8.23
N VAL A 313 -0.34 15.59 -9.21
CA VAL A 313 -0.44 15.10 -10.58
C VAL A 313 0.81 14.31 -10.91
N LYS A 314 0.62 13.18 -11.60
CA LYS A 314 1.68 12.50 -12.32
C LYS A 314 1.32 12.45 -13.81
N ASP A 315 2.28 12.81 -14.66
CA ASP A 315 2.13 12.62 -16.10
C ASP A 315 2.76 11.32 -16.58
N LYS A 316 3.68 10.75 -15.82
CA LYS A 316 4.35 9.50 -16.15
C LYS A 316 4.23 8.55 -14.98
N ILE A 317 4.29 7.25 -15.27
CA ILE A 317 4.30 6.24 -14.22
C ILE A 317 5.52 6.41 -13.32
N VAL A 318 6.68 6.55 -13.93
CA VAL A 318 7.95 6.65 -13.21
C VAL A 318 8.33 8.12 -13.11
N ASP A 319 8.61 8.60 -11.90
CA ASP A 319 8.92 10.00 -11.71
C ASP A 319 10.14 10.41 -12.52
N ARG A 320 11.12 9.52 -12.67
CA ARG A 320 12.32 9.81 -13.44
C ARG A 320 12.00 10.18 -14.89
N ALA A 321 10.84 9.79 -15.40
CA ALA A 321 10.48 10.02 -16.80
C ALA A 321 9.71 11.31 -17.03
N GLU A 322 9.38 12.06 -15.98
CA GLU A 322 8.63 13.30 -16.16
C GLU A 322 9.40 14.24 -17.09
N GLU A 323 8.68 14.79 -18.08
CA GLU A 323 9.32 15.57 -19.13
C GLU A 323 8.52 16.78 -19.59
N GLU A 324 7.29 16.98 -19.12
CA GLU A 324 6.48 18.11 -19.55
C GLU A 324 6.07 18.94 -18.34
N GLY A 325 6.10 20.26 -18.52
CA GLY A 325 5.67 21.14 -17.44
C GLY A 325 4.20 20.98 -17.12
N LEU A 326 3.87 21.24 -15.86
CA LEU A 326 2.51 21.03 -15.38
C LEU A 326 1.50 21.88 -16.15
N ASP A 327 1.89 23.10 -16.53
CA ASP A 327 0.98 23.95 -17.29
C ASP A 327 0.63 23.32 -18.63
N GLY A 328 1.59 22.66 -19.28
CA GLY A 328 1.32 21.99 -20.55
C GLY A 328 0.52 20.73 -20.39
N VAL A 329 0.71 20.00 -19.29
CA VAL A 329 -0.08 18.81 -19.01
C VAL A 329 -1.55 19.18 -18.81
N LEU A 330 -1.81 20.24 -18.04
CA LEU A 330 -3.18 20.62 -17.71
C LEU A 330 -3.84 21.40 -18.83
N GLY A 331 -3.08 22.19 -19.57
CA GLY A 331 -3.63 22.99 -20.65
C GLY A 331 -4.04 24.39 -20.18
N PHE A 332 -4.06 25.31 -21.14
CA PHE A 332 -4.27 26.72 -20.82
C PHE A 332 -5.62 26.94 -20.13
N GLU A 333 -6.68 26.33 -20.65
CA GLU A 333 -8.02 26.66 -20.17
C GLU A 333 -8.22 26.22 -18.73
N LEU A 334 -7.76 25.02 -18.38
CA LEU A 334 -7.90 24.53 -17.01
C LEU A 334 -7.02 25.32 -16.05
N VAL A 335 -5.74 25.53 -16.41
CA VAL A 335 -4.86 26.37 -15.59
C VAL A 335 -5.50 27.71 -15.32
N GLU A 336 -6.06 28.34 -16.37
CA GLU A 336 -6.64 29.67 -16.24
C GLU A 336 -7.79 29.69 -15.23
N ARG A 337 -8.67 28.69 -15.29
CA ARG A 337 -9.78 28.62 -14.34
C ARG A 337 -9.28 28.40 -12.92
N MET A 338 -8.25 27.58 -12.74
CA MET A 338 -7.79 27.26 -11.39
C MET A 338 -7.07 28.44 -10.75
N VAL A 339 -6.26 29.17 -11.52
CA VAL A 339 -5.58 30.33 -10.97
C VAL A 339 -6.57 31.47 -10.70
N LYS A 340 -7.68 31.51 -11.44
CA LYS A 340 -8.64 32.59 -11.28
C LYS A 340 -9.47 32.43 -10.00
N GLU A 341 -9.88 31.20 -9.68
CA GLU A 341 -10.72 30.98 -8.52
C GLU A 341 -9.94 30.95 -7.21
N LYS A 342 -8.63 30.70 -7.27
CA LYS A 342 -7.74 30.77 -6.10
C LYS A 342 -8.12 29.77 -5.02
N LYS A 343 -8.70 28.64 -5.40
CA LYS A 343 -9.15 27.66 -4.43
C LYS A 343 -8.28 26.42 -4.36
N GLY A 344 -7.40 26.19 -5.33
CA GLY A 344 -6.68 24.95 -5.40
C GLY A 344 -5.18 25.15 -5.57
N LEU A 345 -4.45 24.11 -5.21
CA LEU A 345 -3.02 24.00 -5.41
C LEU A 345 -2.75 22.70 -6.15
N VAL A 346 -2.01 22.78 -7.25
CA VAL A 346 -1.68 21.60 -8.06
C VAL A 346 -0.17 21.47 -8.10
N VAL A 347 0.32 20.26 -7.85
CA VAL A 347 1.76 19.99 -7.84
C VAL A 347 2.04 18.72 -8.64
N LYS A 348 3.11 18.75 -9.43
CA LYS A 348 3.63 17.56 -10.08
C LYS A 348 5.00 17.26 -9.48
N GLU A 349 4.97 16.73 -8.26
CA GLU A 349 6.19 16.47 -7.50
C GLU A 349 5.84 15.51 -6.36
N TRP A 350 6.87 14.92 -5.77
CA TRP A 350 6.67 14.06 -4.61
C TRP A 350 6.29 14.94 -3.41
N VAL A 351 5.16 14.63 -2.79
CA VAL A 351 4.71 15.38 -1.60
C VAL A 351 4.79 14.46 -0.39
N ASP A 352 4.76 15.07 0.80
CA ASP A 352 4.64 14.30 2.03
C ASP A 352 3.15 14.07 2.26
N GLN A 353 2.64 12.98 1.68
CA GLN A 353 1.20 12.72 1.74
C GLN A 353 0.71 12.61 3.17
N SER A 354 1.49 12.00 4.06
CA SER A 354 1.03 11.82 5.43
C SER A 354 0.97 13.14 6.17
N GLU A 355 1.94 14.03 5.93
CA GLU A 355 1.87 15.37 6.48
C GLU A 355 0.60 16.08 6.03
N ILE A 356 0.23 15.89 4.76
CA ILE A 356 -0.97 16.52 4.22
C ILE A 356 -2.22 15.94 4.86
N LEU A 357 -2.35 14.61 4.84
CA LEU A 357 -3.55 13.98 5.40
C LEU A 357 -3.70 14.28 6.89
N GLY A 358 -2.60 14.45 7.61
CA GLY A 358 -2.67 14.81 9.01
C GLY A 358 -2.97 16.27 9.27
N HIS A 359 -3.00 17.11 8.24
CA HIS A 359 -3.25 18.53 8.43
C HIS A 359 -4.74 18.78 8.65
N LYS A 360 -5.05 19.66 9.61
CA LYS A 360 -6.45 19.94 9.96
C LYS A 360 -7.24 20.51 8.79
N ALA A 361 -6.57 21.12 7.80
CA ALA A 361 -7.28 21.69 6.67
C ALA A 361 -7.90 20.63 5.76
N VAL A 362 -7.29 19.44 5.70
CA VAL A 362 -7.74 18.41 4.76
C VAL A 362 -8.94 17.68 5.35
N GLY A 363 -10.07 17.75 4.66
CA GLY A 363 -11.29 17.12 5.14
C GLY A 363 -11.78 15.93 4.32
N GLY A 364 -11.13 15.67 3.18
CA GLY A 364 -11.49 14.54 2.34
C GLY A 364 -10.34 14.17 1.43
N PHE A 365 -10.43 12.95 0.87
CA PHE A 365 -9.33 12.34 0.12
C PHE A 365 -9.90 11.63 -1.10
N VAL A 366 -9.63 12.17 -2.30
CA VAL A 366 -9.86 11.43 -3.54
C VAL A 366 -8.62 10.55 -3.76
N SER A 367 -8.79 9.24 -3.61
CA SER A 367 -7.67 8.31 -3.56
C SER A 367 -7.89 7.18 -4.55
N HIS A 368 -6.78 6.70 -5.14
CA HIS A 368 -6.88 5.51 -5.96
C HIS A 368 -7.07 4.25 -5.12
N CYS A 369 -7.02 4.36 -3.79
CA CYS A 369 -7.21 3.25 -2.86
C CYS A 369 -6.09 2.22 -2.93
N GLY A 370 -4.89 2.64 -3.33
CA GLY A 370 -3.70 1.89 -2.94
C GLY A 370 -3.70 1.71 -1.44
N TRP A 371 -3.23 0.54 -0.98
CA TRP A 371 -3.50 0.16 0.40
C TRP A 371 -2.78 1.06 1.40
N ASN A 372 -1.53 1.45 1.11
CA ASN A 372 -0.83 2.35 2.03
C ASN A 372 -1.58 3.66 2.23
N SER A 373 -2.08 4.24 1.14
CA SER A 373 -2.88 5.47 1.24
C SER A 373 -4.16 5.25 2.04
N VAL A 374 -4.82 4.09 1.87
CA VAL A 374 -6.02 3.80 2.64
C VAL A 374 -5.72 3.80 4.13
N VAL A 375 -4.65 3.11 4.53
CA VAL A 375 -4.35 2.97 5.96
C VAL A 375 -3.85 4.28 6.54
N GLU A 376 -3.20 5.12 5.73
CA GLU A 376 -2.84 6.46 6.16
C GLU A 376 -4.09 7.32 6.37
N ALA A 377 -5.03 7.27 5.42
CA ALA A 377 -6.30 7.96 5.60
C ALA A 377 -7.02 7.46 6.84
N ALA A 378 -6.98 6.14 7.07
CA ALA A 378 -7.57 5.59 8.28
C ALA A 378 -6.91 6.16 9.52
N TRP A 379 -5.57 6.17 9.54
CA TRP A 379 -4.82 6.67 10.69
C TRP A 379 -5.19 8.12 11.00
N PHE A 380 -5.44 8.93 9.97
CA PHE A 380 -5.80 10.33 10.18
C PHE A 380 -7.30 10.60 10.13
N GLY A 381 -8.12 9.55 10.02
CA GLY A 381 -9.56 9.73 10.01
C GLY A 381 -10.08 10.62 8.90
N VAL A 382 -9.56 10.45 7.69
CA VAL A 382 -9.95 11.25 6.52
C VAL A 382 -10.83 10.39 5.62
N LYS A 383 -12.10 10.80 5.46
CA LYS A 383 -13.02 10.07 4.60
C LYS A 383 -12.52 10.09 3.15
N ILE A 384 -12.90 9.06 2.39
CA ILE A 384 -12.33 8.80 1.07
C ILE A 384 -13.40 8.85 0.00
N LEU A 385 -13.13 9.57 -1.09
CA LEU A 385 -13.80 9.30 -2.36
C LEU A 385 -12.89 8.37 -3.15
N GLY A 386 -13.27 7.10 -3.25
CA GLY A 386 -12.43 6.12 -3.92
C GLY A 386 -12.57 6.20 -5.42
N TRP A 387 -11.44 6.28 -6.11
CA TRP A 387 -11.38 6.22 -7.58
C TRP A 387 -10.37 5.14 -7.93
N PRO A 388 -10.75 3.86 -7.82
CA PRO A 388 -9.80 2.80 -8.11
C PRO A 388 -9.50 2.75 -9.60
N LEU A 389 -8.23 2.49 -9.92
CA LEU A 389 -7.75 2.60 -11.29
C LEU A 389 -7.22 1.29 -11.86
N HIS A 390 -6.53 0.49 -11.06
N HIS A 390 -6.53 0.48 -11.07
CA HIS A 390 -5.88 -0.73 -11.53
CA HIS A 390 -5.97 -0.77 -11.56
C HIS A 390 -5.78 -1.72 -10.38
C HIS A 390 -5.72 -1.70 -10.39
N GLY A 391 -5.35 -2.94 -10.71
CA GLY A 391 -4.92 -3.89 -9.69
C GLY A 391 -5.92 -4.19 -8.57
N ASP A 392 -5.44 -4.06 -7.32
CA ASP A 392 -6.21 -4.38 -6.14
C ASP A 392 -7.14 -3.25 -5.71
N GLN A 393 -7.23 -2.17 -6.49
CA GLN A 393 -7.80 -0.95 -5.94
C GLN A 393 -9.32 -0.99 -5.81
N LYS A 394 -10.02 -1.76 -6.67
CA LYS A 394 -11.47 -1.86 -6.53
C LYS A 394 -11.84 -2.69 -5.30
N ILE A 395 -11.08 -3.75 -5.02
CA ILE A 395 -11.30 -4.53 -3.82
C ILE A 395 -11.04 -3.66 -2.58
N ASN A 396 -9.94 -2.90 -2.60
CA ASN A 396 -9.63 -2.02 -1.47
C ASN A 396 -10.68 -0.93 -1.29
N ALA A 397 -11.18 -0.38 -2.41
CA ALA A 397 -12.21 0.64 -2.33
C ALA A 397 -13.46 0.11 -1.64
N GLU A 398 -13.80 -1.15 -1.90
CA GLU A 398 -14.99 -1.73 -1.28
C GLU A 398 -14.75 -2.13 0.16
N VAL A 399 -13.51 -2.46 0.53
CA VAL A 399 -13.18 -2.61 1.94
C VAL A 399 -13.48 -1.32 2.70
N VAL A 400 -13.08 -0.19 2.12
CA VAL A 400 -13.36 1.10 2.75
C VAL A 400 -14.86 1.37 2.79
N ALA A 401 -15.56 1.13 1.67
CA ALA A 401 -16.98 1.44 1.59
C ALA A 401 -17.80 0.56 2.54
N LYS A 402 -17.40 -0.71 2.71
CA LYS A 402 -18.07 -1.58 3.65
C LYS A 402 -17.99 -1.05 5.08
N GLY A 403 -16.92 -0.32 5.39
CA GLY A 403 -16.78 0.31 6.69
C GLY A 403 -17.48 1.63 6.83
N GLY A 404 -18.07 2.14 5.76
CA GLY A 404 -18.88 3.35 5.85
C GLY A 404 -18.12 4.65 6.00
N TRP A 405 -16.82 4.66 5.74
CA TRP A 405 -16.04 5.89 5.83
C TRP A 405 -15.50 6.34 4.47
N GLY A 406 -15.99 5.73 3.39
CA GLY A 406 -15.69 6.18 2.04
C GLY A 406 -16.73 5.64 1.09
N VAL A 407 -16.73 6.19 -0.13
CA VAL A 407 -17.58 5.70 -1.20
C VAL A 407 -16.79 5.67 -2.49
N TRP A 408 -17.20 4.79 -3.39
CA TRP A 408 -16.60 4.77 -4.72
C TRP A 408 -17.70 4.47 -5.73
N LYS A 409 -17.49 4.93 -6.96
CA LYS A 409 -18.48 4.79 -8.03
C LYS A 409 -18.10 3.58 -8.87
N GLU A 410 -18.90 2.53 -8.75
CA GLU A 410 -18.64 1.26 -9.43
C GLU A 410 -18.64 1.38 -10.94
N GLY A 411 -19.37 2.35 -11.49
CA GLY A 411 -19.46 2.51 -12.94
C GLY A 411 -18.34 3.30 -13.59
N TRP A 412 -17.47 3.95 -12.83
CA TRP A 412 -16.37 4.70 -13.43
C TRP A 412 -15.39 3.76 -14.13
N ASP A 413 -15.15 2.59 -13.55
CA ASP A 413 -14.41 1.47 -14.13
C ASP A 413 -12.90 1.70 -14.14
N TRP A 414 -12.14 0.69 -14.56
CA TRP A 414 -10.69 0.78 -14.57
C TRP A 414 -10.23 1.94 -15.46
N GLU A 415 -9.08 2.53 -15.12
CA GLU A 415 -8.61 3.69 -15.86
C GLU A 415 -8.42 3.33 -17.33
N GLY A 416 -8.94 4.19 -18.20
CA GLY A 416 -8.87 3.97 -19.63
C GLY A 416 -10.04 3.23 -20.24
N GLU A 417 -10.95 2.70 -19.42
CA GLU A 417 -12.12 2.02 -19.99
C GLU A 417 -13.19 3.02 -20.43
N ARG A 418 -13.37 4.09 -19.67
CA ARG A 418 -14.30 5.16 -20.00
C ARG A 418 -13.63 6.49 -19.71
N LEU A 419 -14.21 7.56 -20.22
CA LEU A 419 -13.81 8.91 -19.83
C LEU A 419 -14.80 9.41 -18.78
N VAL A 420 -14.38 9.43 -17.52
CA VAL A 420 -15.19 10.02 -16.47
C VAL A 420 -15.16 11.54 -16.63
N LYS A 421 -16.33 12.15 -16.75
CA LYS A 421 -16.44 13.57 -17.04
C LYS A 421 -16.35 14.42 -15.77
N GLY A 422 -15.89 15.67 -15.94
CA GLY A 422 -15.75 16.56 -14.80
C GLY A 422 -17.05 16.83 -14.05
N GLU A 423 -18.18 16.81 -14.77
CA GLU A 423 -19.47 17.02 -14.11
C GLU A 423 -19.72 15.96 -13.04
N GLU A 424 -19.52 14.68 -13.38
CA GLU A 424 -19.79 13.63 -12.40
C GLU A 424 -18.67 13.54 -11.37
N ILE A 425 -17.45 13.94 -11.71
CA ILE A 425 -16.38 14.01 -10.71
C ILE A 425 -16.72 15.07 -9.66
N GLY A 426 -17.15 16.25 -10.11
CA GLY A 426 -17.53 17.30 -9.18
C GLY A 426 -18.72 16.91 -8.31
N GLU A 427 -19.70 16.21 -8.91
CA GLU A 427 -20.85 15.76 -8.13
C GLU A 427 -20.43 14.76 -7.06
N ALA A 428 -19.52 13.85 -7.40
CA ALA A 428 -19.07 12.85 -6.44
C ALA A 428 -18.28 13.50 -5.30
N ILE A 429 -17.47 14.51 -5.62
CA ILE A 429 -16.71 15.22 -4.59
C ILE A 429 -17.67 15.92 -3.63
N ARG A 430 -18.67 16.61 -4.16
CA ARG A 430 -19.63 17.29 -3.31
C ARG A 430 -20.42 16.30 -2.47
N GLU A 431 -20.75 15.15 -3.05
CA GLU A 431 -21.49 14.12 -2.32
C GLU A 431 -20.70 13.64 -1.11
N VAL A 432 -19.41 13.38 -1.29
CA VAL A 432 -18.58 12.88 -0.19
C VAL A 432 -18.33 13.98 0.83
N MET A 433 -18.04 15.19 0.36
CA MET A 433 -17.71 16.26 1.31
C MET A 433 -18.92 16.74 2.09
N ASN A 434 -20.13 16.54 1.56
CA ASN A 434 -21.35 16.92 2.26
C ASN A 434 -21.86 15.86 3.22
N ASP A 435 -21.26 14.67 3.21
CA ASP A 435 -21.76 13.52 3.97
C ASP A 435 -21.05 13.48 5.32
N GLU A 436 -21.77 13.84 6.38
CA GLU A 436 -21.17 13.82 7.72
C GLU A 436 -21.13 12.43 8.33
N SER A 437 -21.95 11.49 7.84
CA SER A 437 -21.86 10.13 8.35
C SER A 437 -20.51 9.51 8.00
N LEU A 438 -19.91 9.90 6.87
CA LEU A 438 -18.59 9.40 6.53
C LEU A 438 -17.53 9.89 7.51
N VAL A 439 -17.63 11.16 7.93
CA VAL A 439 -16.69 11.68 8.93
C VAL A 439 -16.85 10.92 10.25
N MET A 440 -18.09 10.68 10.67
CA MET A 440 -18.34 9.94 11.89
C MET A 440 -17.66 8.57 11.85
N LYS A 441 -17.82 7.84 10.74
CA LYS A 441 -17.22 6.51 10.64
C LYS A 441 -15.70 6.59 10.50
N ALA A 442 -15.20 7.58 9.75
CA ALA A 442 -13.76 7.76 9.63
C ALA A 442 -13.14 8.10 10.98
N THR A 443 -13.86 8.82 11.83
CA THR A 443 -13.33 9.16 13.15
C THR A 443 -13.28 7.93 14.05
N GLN A 444 -14.26 7.04 13.93
CA GLN A 444 -14.21 5.80 14.69
C GLN A 444 -13.11 4.89 14.19
N VAL A 445 -12.88 4.87 12.87
CA VAL A 445 -11.74 4.14 12.32
C VAL A 445 -10.44 4.70 12.91
N LYS A 446 -10.33 6.03 12.97
CA LYS A 446 -9.15 6.67 13.54
C LYS A 446 -8.99 6.31 15.02
N LYS A 447 -10.10 6.23 15.75
CA LYS A 447 -10.07 5.80 17.14
C LYS A 447 -9.58 4.35 17.24
N ASP A 448 -10.13 3.47 16.39
CA ASP A 448 -9.72 2.07 16.39
C ASP A 448 -8.28 1.89 15.90
N ALA A 449 -7.84 2.75 14.98
CA ALA A 449 -6.45 2.70 14.55
C ALA A 449 -5.50 2.86 15.73
N ARG A 450 -5.84 3.75 16.67
CA ARG A 450 -5.00 3.91 17.84
C ARG A 450 -5.14 2.73 18.81
N LYS A 451 -6.35 2.20 18.96
CA LYS A 451 -6.53 1.00 19.77
C LYS A 451 -5.63 -0.14 19.30
N ALA A 452 -5.49 -0.28 17.98
CA ALA A 452 -4.74 -1.42 17.44
C ALA A 452 -3.30 -1.41 17.90
N ILE A 453 -2.67 -0.23 17.99
CA ILE A 453 -1.26 -0.15 18.36
C ILE A 453 -1.05 -0.01 19.87
N SER A 454 -2.12 0.26 20.63
CA SER A 454 -1.98 0.35 22.07
C SER A 454 -1.83 -1.04 22.68
N VAL A 455 -1.40 -1.08 23.95
CA VAL A 455 -1.23 -2.35 24.64
C VAL A 455 -2.55 -3.10 24.66
N GLY A 456 -2.52 -4.35 24.20
CA GLY A 456 -3.72 -5.15 24.07
C GLY A 456 -4.37 -5.12 22.70
N GLY A 457 -4.03 -4.13 21.88
CA GLY A 457 -4.55 -4.07 20.53
C GLY A 457 -3.90 -5.12 19.63
N GLY A 458 -4.53 -5.31 18.47
CA GLY A 458 -4.10 -6.39 17.58
C GLY A 458 -2.64 -6.30 17.19
N CYS A 459 -2.17 -5.09 16.87
CA CYS A 459 -0.77 -4.95 16.45
C CYS A 459 0.19 -5.19 17.60
N GLU A 460 -0.09 -4.62 18.77
CA GLU A 460 0.78 -4.84 19.92
C GLU A 460 0.84 -6.33 20.29
N VAL A 461 -0.32 -6.99 20.27
CA VAL A 461 -0.37 -8.42 20.59
C VAL A 461 0.43 -9.23 19.58
N ALA A 462 0.31 -8.91 18.29
CA ALA A 462 0.99 -9.68 17.25
C ALA A 462 2.49 -9.50 17.32
N LEU A 463 2.95 -8.27 17.54
CA LEU A 463 4.40 -8.02 17.62
C LEU A 463 5.02 -8.73 18.82
N GLN A 464 4.33 -8.72 19.96
CA GLN A 464 4.85 -9.43 21.12
C GLN A 464 4.91 -10.94 20.87
N LYS A 465 3.88 -11.49 20.24
CA LYS A 465 3.93 -12.89 19.82
C LYS A 465 5.16 -13.14 18.94
N LEU A 466 5.35 -12.29 17.93
CA LEU A 466 6.47 -12.51 17.00
C LEU A 466 7.81 -12.36 17.69
N MET A 467 7.96 -11.32 18.52
CA MET A 467 9.22 -11.12 19.23
C MET A 467 9.54 -12.33 20.11
N GLU A 468 8.53 -12.87 20.80
CA GLU A 468 8.78 -14.00 21.69
C GLU A 468 9.21 -15.24 20.92
N VAL A 469 8.61 -15.46 19.74
CA VAL A 469 9.04 -16.57 18.89
C VAL A 469 10.49 -16.37 18.46
N TRP A 470 10.84 -15.14 18.08
CA TRP A 470 12.18 -14.90 17.56
C TRP A 470 13.24 -14.98 18.67
N LYS A 471 12.88 -14.64 19.89
CA LYS A 471 13.81 -14.71 21.01
C LYS A 471 14.22 -16.15 21.29
N1 UDP B . 2.96 9.10 -1.55
C2 UDP B . 3.59 10.23 -1.05
N3 UDP B . 3.68 11.29 -1.93
C4 UDP B . 3.23 11.31 -3.23
C5 UDP B . 2.60 10.11 -3.68
C6 UDP B . 2.50 9.06 -2.84
O2 UDP B . 4.03 10.29 0.09
O4 UDP B . 3.37 12.34 -3.92
C1' UDP B . 2.91 7.92 -0.69
C2' UDP B . 1.58 7.58 -0.03
O2' UDP B . 1.48 8.30 1.20
C3' UDP B . 1.74 6.08 0.20
C4' UDP B . 2.50 5.63 -1.04
O4' UDP B . 3.24 6.79 -1.49
O3' UDP B . 2.55 5.79 1.35
C5' UDP B . 1.63 5.13 -2.17
O5' UDP B . 1.36 3.73 -1.91
PA UDP B . -0.05 3.09 -2.20
O1A UDP B . -1.08 4.00 -1.63
O2A UDP B . -0.09 1.65 -1.75
O3A UDP B . -0.17 3.08 -3.82
PB UDP B . 0.84 2.78 -5.00
O1B UDP B . 1.71 4.03 -5.05
O2B UDP B . -0.06 2.76 -6.23
O3B UDP B . 1.60 1.53 -4.78
C1 G50 C . -1.81 -5.32 -9.61
C2 G50 C . -1.52 -4.17 -8.90
C3 G50 C . -1.61 -4.17 -7.52
C4 G50 C . -1.99 -5.33 -6.84
C5 G50 C . -2.27 -6.50 -7.55
C6 G50 C . -2.18 -6.48 -8.94
C7 G50 C . -2.69 -7.83 -6.90
C8 G50 C . -2.53 -8.20 -5.42
C9 G50 C . -1.13 -7.95 -4.84
O1 G50 C . -2.46 -7.64 -9.66
O2 G50 C . -3.18 -8.65 -7.61
C10 G50 C . -0.07 -8.91 -5.35
C11 G50 C . 0.66 -8.59 -6.48
C12 G50 C . 1.65 -9.45 -6.94
C13 G50 C . 1.90 -10.63 -6.26
C14 G50 C . 1.17 -10.95 -5.12
C15 G50 C . 0.19 -10.09 -4.67
O3 G50 C . 2.90 -11.50 -6.72
O4 G50 C . -1.14 -3.00 -9.57
O5 G50 C . -2.05 -5.23 -5.45
C1 GOL D . 1.31 -2.01 -2.73
O1 GOL D . 2.20 -1.43 -3.65
C2 GOL D . -0.10 -1.70 -3.29
O2 GOL D . -0.28 -0.34 -3.59
C3 GOL D . -1.08 -2.16 -2.20
O3 GOL D . -2.30 -1.58 -2.54
C1 GOL E . 1.83 -3.83 -8.44
O1 GOL E . 1.75 -2.55 -8.97
C2 GOL E . 2.39 -3.72 -7.00
O2 GOL E . 2.04 -2.52 -6.40
C3 GOL E . 1.84 -4.94 -6.25
O3 GOL E . 1.82 -4.63 -4.89
#